data_1GKC
#
_entry.id   1GKC
#
_cell.length_a   56.005
_cell.length_b   56.005
_cell.length_c   262.655
_cell.angle_alpha   90.00
_cell.angle_beta   90.00
_cell.angle_gamma   90.00
#
_symmetry.space_group_name_H-M   'P 41 21 2'
#
loop_
_entity.id
_entity.type
_entity.pdbx_description
1 polymer '92 KDA TYPE IV COLLAGENASE'
2 non-polymer 'CALCIUM ION'
3 non-polymer N~2~-[(2R)-2-{[formyl(hydroxy)amino]methyl}-4-methylpentanoyl]-N,3-dimethyl-L-valinamide
4 non-polymer 'ZINC ION'
5 water water
#
_entity_poly.entity_id   1
_entity_poly.type   'polypeptide(L)'
_entity_poly.pdbx_seq_one_letter_code
;MFQTFEGDLKWHHHNITYWIQNYSEDLPRAVIDDAFARAFALWSAVTPLTFTRVYSRDADIVIQFGVAEHGDGYPFDGKD
GLLAHAFPPGPGIQGDAHFDDDELWSLGKGQGYSLFLVAAHEFGHALGLDHSSVPEALMYPMYRFTEGPPLHKDDVNGIR
HLY
;
_entity_poly.pdbx_strand_id   A,B
#
loop_
_chem_comp.id
_chem_comp.type
_chem_comp.name
_chem_comp.formula
CA non-polymer 'CALCIUM ION' 'Ca 2'
NFH non-polymer N~2~-[(2R)-2-{[formyl(hydroxy)amino]methyl}-4-methylpentanoyl]-N,3-dimethyl-L-valinamide 'C15 H29 N3 O4'
ZN non-polymer 'ZINC ION' 'Zn 2'
#
# COMPACT_ATOMS: atom_id res chain seq x y z
N PHE A 5 13.46 10.05 -24.15
CA PHE A 5 13.80 9.43 -22.84
C PHE A 5 14.46 8.06 -23.03
N GLU A 6 15.19 7.91 -24.14
CA GLU A 6 15.90 6.68 -24.44
C GLU A 6 17.34 7.05 -24.75
N GLY A 7 18.28 6.34 -24.12
CA GLY A 7 19.67 6.62 -24.35
C GLY A 7 20.49 5.35 -24.33
N ASP A 8 21.76 5.47 -24.69
CA ASP A 8 22.64 4.30 -24.73
C ASP A 8 23.86 4.51 -23.85
N LEU A 9 23.65 5.10 -22.69
CA LEU A 9 24.71 5.36 -21.73
C LEU A 9 24.40 4.69 -20.41
N LYS A 10 25.44 4.30 -19.68
CA LYS A 10 25.27 3.68 -18.37
C LYS A 10 26.11 4.49 -17.40
N TRP A 11 26.04 4.19 -16.12
CA TRP A 11 26.84 4.94 -15.15
C TRP A 11 28.24 4.32 -15.15
N HIS A 12 29.25 5.16 -14.99
CA HIS A 12 30.61 4.66 -14.95
C HIS A 12 31.07 4.34 -13.53
N HIS A 13 30.26 4.71 -12.54
CA HIS A 13 30.58 4.39 -11.16
C HIS A 13 29.49 3.46 -10.64
N HIS A 14 29.77 2.74 -9.57
CA HIS A 14 28.80 1.81 -9.00
C HIS A 14 28.14 2.26 -7.72
N ASN A 15 28.74 3.21 -7.02
CA ASN A 15 28.16 3.73 -5.78
C ASN A 15 27.32 4.93 -6.18
N ILE A 16 26.07 4.65 -6.54
CA ILE A 16 25.13 5.68 -6.99
C ILE A 16 24.41 6.40 -5.86
N THR A 17 24.16 7.69 -6.05
CA THR A 17 23.49 8.47 -5.02
C THR A 17 22.14 9.00 -5.50
N TYR A 18 21.24 9.22 -4.55
CA TYR A 18 19.93 9.75 -4.89
C TYR A 18 19.43 10.72 -3.84
N TRP A 19 18.67 11.69 -4.30
CA TRP A 19 18.13 12.71 -3.45
C TRP A 19 16.61 12.79 -3.64
N ILE A 20 15.87 12.63 -2.56
CA ILE A 20 14.42 12.75 -2.60
C ILE A 20 14.21 14.23 -2.35
N GLN A 21 13.97 14.99 -3.42
CA GLN A 21 13.80 16.43 -3.32
C GLN A 21 12.51 16.88 -2.64
N ASN A 22 11.38 16.31 -3.03
CA ASN A 22 10.10 16.66 -2.42
C ASN A 22 9.20 15.44 -2.34
N TYR A 23 8.04 15.60 -1.69
CA TYR A 23 7.11 14.48 -1.49
C TYR A 23 5.72 14.65 -2.06
N SER A 24 5.01 13.54 -2.13
CA SER A 24 3.63 13.53 -2.59
C SER A 24 2.79 13.77 -1.35
N GLU A 25 1.56 14.24 -1.52
CA GLU A 25 0.72 14.50 -0.38
C GLU A 25 -0.06 13.27 0.07
N ASP A 26 -0.13 12.26 -0.79
CA ASP A 26 -0.89 11.04 -0.51
C ASP A 26 -0.34 10.07 0.52
N LEU A 27 0.96 10.13 0.79
CA LEU A 27 1.54 9.19 1.73
C LEU A 27 2.46 9.85 2.75
N PRO A 28 2.61 9.25 3.93
CA PRO A 28 3.49 9.85 4.94
C PRO A 28 4.92 9.77 4.39
N ARG A 29 5.77 10.71 4.77
CA ARG A 29 7.14 10.71 4.27
C ARG A 29 7.93 9.46 4.62
N ALA A 30 7.66 8.87 5.78
CA ALA A 30 8.35 7.65 6.18
C ALA A 30 7.97 6.50 5.23
N VAL A 31 6.73 6.51 4.75
CA VAL A 31 6.28 5.46 3.83
C VAL A 31 6.93 5.65 2.45
N ILE A 32 7.05 6.90 2.02
CA ILE A 32 7.65 7.19 0.74
C ILE A 32 9.15 6.85 0.75
N ASP A 33 9.86 7.29 1.78
CA ASP A 33 11.28 6.99 1.87
C ASP A 33 11.51 5.49 1.72
N ASP A 34 10.76 4.70 2.50
CA ASP A 34 10.88 3.25 2.50
C ASP A 34 10.56 2.60 1.17
N ALA A 35 9.55 3.12 0.46
CA ALA A 35 9.15 2.58 -0.84
C ALA A 35 10.29 2.77 -1.84
N PHE A 36 10.90 3.95 -1.86
CA PHE A 36 12.00 4.22 -2.76
C PHE A 36 13.21 3.33 -2.42
N ALA A 37 13.49 3.19 -1.13
CA ALA A 37 14.60 2.38 -0.67
C ALA A 37 14.44 0.92 -1.09
N ARG A 38 13.22 0.41 -0.98
CA ARG A 38 12.94 -0.96 -1.36
C ARG A 38 12.99 -1.10 -2.88
N ALA A 39 12.64 -0.04 -3.59
CA ALA A 39 12.67 -0.09 -5.05
C ALA A 39 14.14 -0.19 -5.52
N PHE A 40 15.04 0.53 -4.85
CA PHE A 40 16.47 0.48 -5.19
C PHE A 40 17.08 -0.85 -4.80
N ALA A 41 16.65 -1.41 -3.67
CA ALA A 41 17.18 -2.69 -3.21
C ALA A 41 16.95 -3.80 -4.23
N LEU A 42 15.87 -3.70 -5.00
CA LEU A 42 15.57 -4.73 -6.00
C LEU A 42 16.72 -4.84 -6.99
N TRP A 43 17.24 -3.69 -7.42
CA TRP A 43 18.29 -3.65 -8.40
C TRP A 43 19.68 -3.94 -7.82
N SER A 44 19.97 -3.39 -6.66
CA SER A 44 21.28 -3.62 -6.05
C SER A 44 21.42 -5.08 -5.63
N ALA A 45 20.31 -5.81 -5.64
CA ALA A 45 20.36 -7.22 -5.25
C ALA A 45 20.88 -8.12 -6.36
N VAL A 46 20.75 -7.68 -7.61
CA VAL A 46 21.22 -8.49 -8.74
C VAL A 46 22.40 -7.87 -9.48
N THR A 47 23.03 -6.88 -8.87
CA THR A 47 24.17 -6.22 -9.49
C THR A 47 25.14 -5.75 -8.41
N PRO A 48 26.32 -5.25 -8.83
CA PRO A 48 27.32 -4.76 -7.88
C PRO A 48 27.05 -3.30 -7.49
N LEU A 49 25.93 -2.75 -7.97
CA LEU A 49 25.55 -1.38 -7.68
C LEU A 49 25.07 -1.22 -6.24
N THR A 50 25.27 -0.02 -5.70
CA THR A 50 24.83 0.29 -4.35
C THR A 50 24.14 1.65 -4.46
N PHE A 51 23.25 1.93 -3.52
CA PHE A 51 22.52 3.19 -3.55
C PHE A 51 22.57 3.90 -2.21
N THR A 52 23.01 5.15 -2.25
CA THR A 52 23.16 5.95 -1.05
C THR A 52 22.29 7.19 -1.13
N ARG A 53 21.56 7.46 -0.05
CA ARG A 53 20.70 8.62 0.01
C ARG A 53 21.48 9.82 0.52
N VAL A 54 21.39 10.93 -0.21
CA VAL A 54 22.08 12.16 0.17
C VAL A 54 21.06 13.29 0.18
N TYR A 55 21.47 14.48 0.62
CA TYR A 55 20.53 15.60 0.69
C TYR A 55 20.88 16.86 -0.10
N SER A 56 21.65 16.70 -1.17
CA SER A 56 22.01 17.85 -1.99
C SER A 56 21.71 17.57 -3.45
N ARG A 57 21.78 18.62 -4.28
CA ARG A 57 21.54 18.50 -5.72
C ARG A 57 22.65 17.74 -6.42
N ASP A 58 23.67 17.33 -5.66
CA ASP A 58 24.81 16.61 -6.22
C ASP A 58 24.58 15.12 -6.49
N ALA A 59 23.48 14.58 -6.01
CA ALA A 59 23.16 13.17 -6.22
C ALA A 59 23.07 12.84 -7.71
N ASP A 60 23.24 11.57 -8.05
CA ASP A 60 23.14 11.14 -9.44
C ASP A 60 21.67 11.07 -9.80
N ILE A 61 20.86 10.48 -8.93
CA ILE A 61 19.44 10.36 -9.22
C ILE A 61 18.61 11.29 -8.32
N VAL A 62 18.05 12.33 -8.92
CA VAL A 62 17.21 13.26 -8.19
C VAL A 62 15.75 12.89 -8.42
N ILE A 63 15.02 12.74 -7.32
CA ILE A 63 13.62 12.36 -7.36
C ILE A 63 12.68 13.49 -6.98
N GLN A 64 11.61 13.65 -7.74
CA GLN A 64 10.67 14.71 -7.41
C GLN A 64 9.27 14.42 -7.92
N PHE A 65 8.30 15.01 -7.25
CA PHE A 65 6.90 14.88 -7.63
C PHE A 65 6.51 16.23 -8.23
N GLY A 66 5.77 16.20 -9.33
CA GLY A 66 5.35 17.45 -9.94
C GLY A 66 4.00 17.29 -10.62
N VAL A 67 3.37 18.42 -10.95
CA VAL A 67 2.08 18.41 -11.63
C VAL A 67 2.17 19.29 -12.87
N ALA A 68 1.67 18.78 -13.99
CA ALA A 68 1.72 19.51 -15.25
C ALA A 68 3.16 19.96 -15.53
N GLU A 69 3.32 21.24 -15.83
CA GLU A 69 4.63 21.83 -16.10
C GLU A 69 5.45 21.76 -14.83
N HIS A 70 6.64 21.15 -14.89
CA HIS A 70 7.44 21.05 -13.67
C HIS A 70 8.94 21.23 -13.84
N GLY A 71 9.34 22.01 -14.83
CA GLY A 71 10.76 22.23 -15.01
C GLY A 71 11.35 21.84 -16.34
N ASP A 72 11.33 20.55 -16.64
CA ASP A 72 11.85 20.08 -17.92
C ASP A 72 10.83 20.44 -18.98
N GLY A 73 10.95 19.84 -20.15
CA GLY A 73 10.01 20.17 -21.21
C GLY A 73 8.97 19.12 -21.48
N TYR A 74 8.71 18.26 -20.50
CA TYR A 74 7.72 17.19 -20.65
C TYR A 74 6.70 17.19 -19.53
N PRO A 75 5.78 18.17 -19.54
CA PRO A 75 4.74 18.27 -18.52
C PRO A 75 3.89 17.01 -18.42
N PHE A 76 3.31 16.78 -17.25
CA PHE A 76 2.47 15.62 -17.05
C PHE A 76 1.07 15.92 -17.57
N ASP A 77 0.24 14.88 -17.67
CA ASP A 77 -1.10 15.02 -18.21
C ASP A 77 -2.27 14.87 -17.23
N GLY A 78 -2.09 15.26 -15.97
CA GLY A 78 -3.18 15.14 -15.01
C GLY A 78 -3.52 13.70 -14.66
N LYS A 79 -4.70 13.45 -14.11
CA LYS A 79 -5.10 12.10 -13.73
C LYS A 79 -4.88 11.06 -14.82
N ASP A 80 -4.34 9.91 -14.42
CA ASP A 80 -4.09 8.79 -15.34
C ASP A 80 -3.22 9.10 -16.55
N GLY A 81 -3.10 8.13 -17.44
CA GLY A 81 -2.28 8.32 -18.63
C GLY A 81 -0.84 8.04 -18.26
N LEU A 82 0.02 9.05 -18.44
CA LEU A 82 1.43 8.91 -18.11
C LEU A 82 1.56 8.99 -16.59
N LEU A 83 2.18 8.01 -15.95
CA LEU A 83 2.31 8.02 -14.50
C LEU A 83 3.58 8.70 -14.00
N ALA A 84 4.63 8.60 -14.80
CA ALA A 84 5.93 9.16 -14.43
C ALA A 84 6.87 8.99 -15.62
N HIS A 85 8.09 9.48 -15.45
CA HIS A 85 9.11 9.34 -16.47
C HIS A 85 10.48 9.57 -15.86
N ALA A 86 11.49 8.91 -16.41
CA ALA A 86 12.87 9.03 -15.91
C ALA A 86 13.84 9.23 -17.07
N PHE A 87 15.03 9.74 -16.77
CA PHE A 87 16.04 9.99 -17.81
C PHE A 87 17.22 9.05 -17.67
N PRO A 88 17.80 8.64 -18.82
CA PRO A 88 18.96 7.73 -18.88
C PRO A 88 20.18 8.30 -18.17
N PRO A 89 21.13 7.43 -17.80
CA PRO A 89 22.36 7.86 -17.12
C PRO A 89 23.04 9.05 -17.79
N GLY A 90 23.66 9.90 -16.97
CA GLY A 90 24.35 11.06 -17.50
C GLY A 90 24.35 12.19 -16.49
N PRO A 91 24.86 13.37 -16.86
CA PRO A 91 24.92 14.53 -15.96
C PRO A 91 23.62 15.35 -15.96
N GLY A 92 23.50 16.25 -14.98
CA GLY A 92 22.34 17.12 -14.89
C GLY A 92 21.01 16.41 -14.69
N ILE A 93 19.99 16.79 -15.43
CA ILE A 93 18.68 16.17 -15.30
C ILE A 93 18.72 14.68 -15.66
N GLN A 94 19.79 14.28 -16.37
CA GLN A 94 19.97 12.90 -16.77
C GLN A 94 20.00 12.01 -15.55
N GLY A 95 19.29 10.88 -15.61
CA GLY A 95 19.26 9.97 -14.47
C GLY A 95 18.21 10.32 -13.43
N ASP A 96 17.49 11.42 -13.62
CA ASP A 96 16.46 11.83 -12.67
C ASP A 96 15.13 11.11 -12.91
N ALA A 97 14.32 11.02 -11.87
CA ALA A 97 13.01 10.36 -11.95
C ALA A 97 11.91 11.26 -11.41
N HIS A 98 10.90 11.52 -12.24
CA HIS A 98 9.78 12.37 -11.87
C HIS A 98 8.45 11.64 -11.83
N PHE A 99 7.66 11.89 -10.78
CA PHE A 99 6.36 11.24 -10.64
C PHE A 99 5.22 12.25 -10.71
N ASP A 100 4.17 11.91 -11.48
CA ASP A 100 3.01 12.78 -11.61
C ASP A 100 2.16 12.72 -10.33
N ASP A 101 2.11 13.83 -9.60
CA ASP A 101 1.36 13.86 -8.36
C ASP A 101 -0.13 14.14 -8.56
N ASP A 102 -0.63 14.01 -9.79
CA ASP A 102 -2.05 14.19 -10.03
C ASP A 102 -2.66 12.80 -9.94
N GLU A 103 -1.78 11.81 -9.81
CA GLU A 103 -2.19 10.43 -9.69
C GLU A 103 -2.38 10.17 -8.21
N LEU A 104 -3.19 9.16 -7.89
CA LEU A 104 -3.40 8.78 -6.50
C LEU A 104 -2.31 7.73 -6.21
N TRP A 105 -1.37 8.08 -5.33
CA TRP A 105 -0.29 7.17 -4.99
C TRP A 105 -0.62 6.36 -3.75
N SER A 106 -0.37 5.05 -3.83
CA SER A 106 -0.64 4.14 -2.75
C SER A 106 0.38 3.00 -2.78
N LEU A 107 0.02 1.85 -2.21
CA LEU A 107 0.87 0.66 -2.18
C LEU A 107 -0.03 -0.56 -2.06
N GLY A 108 0.42 -1.69 -2.59
CA GLY A 108 -0.36 -2.92 -2.51
C GLY A 108 -1.62 -2.96 -3.35
N LYS A 109 -2.53 -3.86 -2.98
CA LYS A 109 -3.81 -4.02 -3.69
C LYS A 109 -4.71 -2.85 -3.33
N GLY A 110 -5.61 -2.50 -4.24
CA GLY A 110 -6.50 -1.39 -3.96
C GLY A 110 -6.45 -0.35 -5.06
N GLN A 111 -7.27 0.70 -4.94
CA GLN A 111 -7.29 1.74 -5.96
C GLN A 111 -6.02 2.59 -5.88
N GLY A 112 -5.70 3.31 -6.94
CA GLY A 112 -4.49 4.11 -6.95
C GLY A 112 -3.38 3.28 -7.56
N TYR A 113 -2.19 3.86 -7.67
CA TYR A 113 -1.05 3.17 -8.26
C TYR A 113 0.04 2.90 -7.22
N SER A 114 0.70 1.76 -7.31
CA SER A 114 1.75 1.44 -6.37
C SER A 114 2.99 2.30 -6.61
N LEU A 115 3.33 3.15 -5.64
CA LEU A 115 4.50 4.01 -5.77
C LEU A 115 5.75 3.14 -5.86
N PHE A 116 5.74 2.03 -5.11
CA PHE A 116 6.84 1.07 -5.08
C PHE A 116 7.14 0.45 -6.44
N LEU A 117 6.12 -0.10 -7.09
CA LEU A 117 6.29 -0.73 -8.38
C LEU A 117 6.65 0.26 -9.49
N VAL A 118 6.05 1.46 -9.45
CA VAL A 118 6.33 2.45 -10.48
C VAL A 118 7.75 3.01 -10.30
N ALA A 119 8.17 3.15 -9.05
CA ALA A 119 9.51 3.65 -8.76
C ALA A 119 10.55 2.68 -9.30
N ALA A 120 10.32 1.39 -9.07
CA ALA A 120 11.24 0.35 -9.53
C ALA A 120 11.42 0.43 -11.04
N HIS A 121 10.33 0.72 -11.75
CA HIS A 121 10.35 0.84 -13.20
C HIS A 121 11.16 2.07 -13.62
N GLU A 122 10.86 3.21 -13.00
CA GLU A 122 11.56 4.45 -13.33
C GLU A 122 13.06 4.32 -13.03
N PHE A 123 13.41 3.72 -11.91
CA PHE A 123 14.81 3.54 -11.57
C PHE A 123 15.49 2.62 -12.58
N GLY A 124 14.71 1.77 -13.23
CA GLY A 124 15.26 0.89 -14.26
C GLY A 124 15.78 1.78 -15.38
N HIS A 125 14.96 2.74 -15.78
CA HIS A 125 15.35 3.69 -16.83
C HIS A 125 16.56 4.50 -16.40
N ALA A 126 16.50 5.03 -15.18
CA ALA A 126 17.57 5.85 -14.62
C ALA A 126 18.92 5.11 -14.61
N LEU A 127 18.89 3.79 -14.72
CA LEU A 127 20.10 2.99 -14.72
C LEU A 127 20.49 2.57 -16.15
N GLY A 128 19.71 3.02 -17.13
CA GLY A 128 20.00 2.69 -18.52
C GLY A 128 19.11 1.69 -19.26
N LEU A 129 18.24 1.00 -18.54
CA LEU A 129 17.37 0.02 -19.19
C LEU A 129 16.32 0.64 -20.08
N ASP A 130 16.00 -0.05 -21.17
CA ASP A 130 14.96 0.41 -22.08
C ASP A 130 13.73 -0.47 -21.81
N HIS A 131 12.64 -0.19 -22.51
CA HIS A 131 11.41 -0.96 -22.33
C HIS A 131 11.56 -2.38 -22.81
N SER A 132 10.84 -3.29 -22.16
CA SER A 132 10.86 -4.71 -22.50
C SER A 132 9.64 -5.05 -23.33
N SER A 133 9.71 -6.16 -24.06
CA SER A 133 8.59 -6.59 -24.88
C SER A 133 7.88 -7.75 -24.19
N VAL A 134 8.44 -8.19 -23.08
CA VAL A 134 7.88 -9.27 -22.28
C VAL A 134 6.81 -8.68 -21.35
N PRO A 135 5.54 -9.07 -21.55
CA PRO A 135 4.42 -8.59 -20.74
C PRO A 135 4.58 -8.68 -19.23
N GLU A 136 5.18 -9.76 -18.74
CA GLU A 136 5.37 -9.92 -17.30
C GLU A 136 6.63 -9.28 -16.74
N ALA A 137 7.41 -8.62 -17.60
CA ALA A 137 8.62 -7.97 -17.15
C ALA A 137 8.28 -6.63 -16.52
N LEU A 138 9.06 -6.22 -15.51
CA LEU A 138 8.84 -4.95 -14.85
C LEU A 138 9.02 -3.77 -15.81
N MET A 139 9.90 -3.95 -16.80
CA MET A 139 10.16 -2.88 -17.75
C MET A 139 9.15 -2.80 -18.90
N TYR A 140 8.08 -3.59 -18.81
CA TYR A 140 7.04 -3.52 -19.82
C TYR A 140 6.47 -2.10 -19.72
N PRO A 141 6.29 -1.42 -20.85
CA PRO A 141 5.78 -0.04 -20.94
C PRO A 141 4.40 0.27 -20.36
N MET A 142 3.70 -0.76 -19.89
CA MET A 142 2.36 -0.59 -19.35
C MET A 142 2.32 -0.98 -17.87
N TYR A 143 1.57 -0.23 -17.08
CA TYR A 143 1.47 -0.53 -15.65
C TYR A 143 0.60 -1.76 -15.37
N ARG A 144 1.05 -2.62 -14.47
CA ARG A 144 0.28 -3.79 -14.09
C ARG A 144 0.63 -4.19 -12.66
N PHE A 145 -0.33 -4.11 -11.76
CA PHE A 145 -0.04 -4.46 -10.38
C PHE A 145 0.24 -5.94 -10.23
N THR A 146 1.18 -6.27 -9.35
CA THR A 146 1.53 -7.65 -9.11
C THR A 146 2.05 -7.85 -7.70
N GLU A 147 1.86 -9.05 -7.19
CA GLU A 147 2.34 -9.40 -5.86
C GLU A 147 3.57 -10.27 -6.10
N GLY A 148 4.37 -10.49 -5.07
CA GLY A 148 5.55 -11.30 -5.25
C GLY A 148 6.67 -10.51 -5.91
N PRO A 149 7.83 -11.15 -6.16
CA PRO A 149 9.01 -10.53 -6.78
C PRO A 149 8.67 -9.80 -8.09
N PRO A 150 8.96 -8.50 -8.14
CA PRO A 150 8.72 -7.64 -9.30
C PRO A 150 9.60 -7.91 -10.52
N LEU A 151 10.88 -8.17 -10.29
CA LEU A 151 11.82 -8.40 -11.38
C LEU A 151 11.67 -9.72 -12.10
N HIS A 152 11.55 -9.66 -13.42
CA HIS A 152 11.43 -10.84 -14.25
C HIS A 152 12.83 -11.21 -14.74
N LYS A 153 13.03 -12.48 -15.13
CA LYS A 153 14.34 -12.95 -15.63
C LYS A 153 14.85 -11.98 -16.67
N ASP A 154 13.93 -11.46 -17.47
CA ASP A 154 14.29 -10.52 -18.51
C ASP A 154 14.88 -9.25 -17.93
N ASP A 155 14.28 -8.75 -16.84
CA ASP A 155 14.77 -7.53 -16.21
C ASP A 155 16.16 -7.76 -15.63
N VAL A 156 16.37 -8.91 -15.00
CA VAL A 156 17.64 -9.27 -14.39
C VAL A 156 18.75 -9.44 -15.43
N ASN A 157 18.42 -9.99 -16.59
CA ASN A 157 19.41 -10.16 -17.64
C ASN A 157 19.84 -8.80 -18.17
N GLY A 158 18.85 -7.96 -18.48
CA GLY A 158 19.14 -6.63 -18.98
C GLY A 158 20.03 -5.79 -18.09
N ILE A 159 19.78 -5.84 -16.78
CA ILE A 159 20.58 -5.06 -15.86
C ILE A 159 22.00 -5.62 -15.69
N ARG A 160 22.14 -6.94 -15.65
CA ARG A 160 23.46 -7.54 -15.51
C ARG A 160 24.26 -7.40 -16.80
N HIS A 161 23.58 -7.22 -17.92
CA HIS A 161 24.27 -7.07 -19.18
C HIS A 161 24.99 -5.73 -19.21
N LEU A 162 24.45 -4.75 -18.48
CA LEU A 162 25.04 -3.42 -18.40
C LEU A 162 26.09 -3.30 -17.30
N TYR A 163 25.84 -3.93 -16.15
CA TYR A 163 26.76 -3.88 -15.01
C TYR A 163 27.25 -5.24 -14.55
N ASP B 8 -22.59 -18.27 21.07
CA ASP B 8 -22.12 -17.58 19.84
C ASP B 8 -23.11 -16.51 19.36
N LEU B 9 -22.75 -15.26 19.62
CA LEU B 9 -23.57 -14.14 19.23
C LEU B 9 -23.42 -13.86 17.74
N LYS B 10 -24.50 -13.45 17.09
CA LYS B 10 -24.43 -13.16 15.66
C LYS B 10 -25.54 -12.21 15.24
N TRP B 11 -25.45 -11.68 14.01
CA TRP B 11 -26.46 -10.78 13.51
C TRP B 11 -27.66 -11.60 13.06
N HIS B 12 -28.86 -11.08 13.28
CA HIS B 12 -30.06 -11.77 12.87
C HIS B 12 -30.55 -11.36 11.50
N HIS B 13 -29.88 -10.37 10.91
CA HIS B 13 -30.21 -9.92 9.57
C HIS B 13 -28.94 -10.10 8.73
N HIS B 14 -29.11 -10.15 7.42
CA HIS B 14 -27.98 -10.36 6.52
C HIS B 14 -27.52 -9.13 5.74
N ASN B 15 -28.37 -8.11 5.69
CA ASN B 15 -28.01 -6.88 4.99
C ASN B 15 -27.46 -5.91 6.01
N ILE B 16 -26.18 -6.10 6.33
CA ILE B 16 -25.50 -5.30 7.32
C ILE B 16 -25.07 -3.94 6.82
N THR B 17 -25.11 -2.94 7.70
CA THR B 17 -24.71 -1.59 7.32
C THR B 17 -23.52 -1.14 8.14
N TYR B 18 -22.75 -0.22 7.56
CA TYR B 18 -21.58 0.32 8.25
C TYR B 18 -21.40 1.79 7.95
N TRP B 19 -20.79 2.47 8.91
CA TRP B 19 -20.53 3.89 8.81
C TRP B 19 -19.07 4.18 9.14
N ILE B 20 -18.38 4.86 8.21
CA ILE B 20 -17.01 5.25 8.43
C ILE B 20 -17.13 6.64 9.04
N GLN B 21 -17.09 6.70 10.37
CA GLN B 21 -17.23 7.96 11.07
C GLN B 21 -16.12 8.99 10.84
N ASN B 22 -14.87 8.57 10.93
CA ASN B 22 -13.75 9.49 10.72
C ASN B 22 -12.60 8.78 10.02
N TYR B 23 -11.54 9.53 9.76
CA TYR B 23 -10.39 8.98 9.04
C TYR B 23 -9.05 9.12 9.75
N SER B 24 -8.07 8.40 9.23
CA SER B 24 -6.71 8.45 9.76
C SER B 24 -5.94 9.49 8.97
N GLU B 25 -4.93 10.09 9.59
CA GLU B 25 -4.15 11.12 8.91
C GLU B 25 -3.12 10.54 7.96
N ASP B 26 -2.89 9.22 8.04
CA ASP B 26 -1.89 8.56 7.20
C ASP B 26 -2.25 8.22 5.76
N LEU B 27 -3.54 8.11 5.47
CA LEU B 27 -3.95 7.75 4.12
C LEU B 27 -5.06 8.64 3.60
N PRO B 28 -5.17 8.76 2.26
CA PRO B 28 -6.23 9.60 1.66
C PRO B 28 -7.59 8.93 1.93
N ARG B 29 -8.68 9.71 1.94
CA ARG B 29 -10.01 9.16 2.18
C ARG B 29 -10.35 8.04 1.22
N ALA B 30 -10.08 8.28 -0.05
CA ALA B 30 -10.38 7.32 -1.10
C ALA B 30 -9.70 5.97 -0.86
N VAL B 31 -8.48 6.02 -0.35
CA VAL B 31 -7.72 4.80 -0.08
C VAL B 31 -8.33 4.04 1.09
N ILE B 32 -8.75 4.78 2.10
CA ILE B 32 -9.34 4.19 3.29
C ILE B 32 -10.71 3.60 2.99
N ASP B 33 -11.55 4.34 2.26
CA ASP B 33 -12.88 3.84 1.90
C ASP B 33 -12.72 2.50 1.18
N ASP B 34 -11.84 2.47 0.19
CA ASP B 34 -11.59 1.27 -0.61
C ASP B 34 -11.08 0.09 0.21
N ALA B 35 -10.14 0.33 1.11
CA ALA B 35 -9.61 -0.73 1.95
C ALA B 35 -10.71 -1.39 2.80
N PHE B 36 -11.59 -0.57 3.37
CA PHE B 36 -12.67 -1.11 4.18
C PHE B 36 -13.66 -1.89 3.31
N ALA B 37 -13.90 -1.39 2.10
CA ALA B 37 -14.81 -2.07 1.17
C ALA B 37 -14.26 -3.44 0.75
N ARG B 38 -12.96 -3.51 0.50
CA ARG B 38 -12.34 -4.78 0.09
C ARG B 38 -12.26 -5.72 1.29
N ALA B 39 -12.16 -5.15 2.48
CA ALA B 39 -12.10 -5.96 3.69
C ALA B 39 -13.46 -6.63 3.95
N PHE B 40 -14.55 -5.93 3.61
CA PHE B 40 -15.90 -6.49 3.78
C PHE B 40 -16.19 -7.50 2.68
N ALA B 41 -15.70 -7.23 1.47
CA ALA B 41 -15.92 -8.13 0.36
C ALA B 41 -15.34 -9.53 0.60
N LEU B 42 -14.29 -9.62 1.41
CA LEU B 42 -13.69 -10.92 1.72
C LEU B 42 -14.71 -11.82 2.37
N TRP B 43 -15.45 -11.25 3.32
CA TRP B 43 -16.45 -12.00 4.06
C TRP B 43 -17.75 -12.25 3.28
N SER B 44 -18.25 -11.23 2.61
CA SER B 44 -19.50 -11.40 1.86
C SER B 44 -19.30 -12.38 0.72
N ALA B 45 -18.05 -12.72 0.44
CA ALA B 45 -17.74 -13.64 -0.64
C ALA B 45 -17.97 -15.09 -0.23
N VAL B 46 -17.89 -15.36 1.07
CA VAL B 46 -18.09 -16.73 1.55
C VAL B 46 -19.33 -16.89 2.44
N THR B 47 -20.26 -15.94 2.34
CA THR B 47 -21.49 -15.99 3.12
C THR B 47 -22.60 -15.24 2.38
N PRO B 48 -23.85 -15.36 2.87
CA PRO B 48 -25.00 -14.67 2.25
C PRO B 48 -25.11 -13.22 2.72
N LEU B 49 -24.13 -12.78 3.51
CA LEU B 49 -24.09 -11.41 4.03
C LEU B 49 -23.72 -10.39 2.97
N THR B 50 -24.30 -9.19 3.09
CA THR B 50 -23.98 -8.09 2.18
C THR B 50 -23.61 -6.93 3.10
N PHE B 51 -22.90 -5.96 2.56
CA PHE B 51 -22.46 -4.80 3.34
C PHE B 51 -22.75 -3.49 2.62
N THR B 52 -23.55 -2.66 3.27
CA THR B 52 -23.95 -1.37 2.70
C THR B 52 -23.41 -0.21 3.52
N ARG B 53 -22.83 0.76 2.83
CA ARG B 53 -22.29 1.93 3.49
C ARG B 53 -23.37 2.99 3.67
N VAL B 54 -23.49 3.52 4.89
CA VAL B 54 -24.47 4.57 5.18
C VAL B 54 -23.73 5.66 5.94
N TYR B 55 -24.43 6.74 6.29
CA TYR B 55 -23.79 7.86 6.98
C TYR B 55 -24.43 8.29 8.30
N SER B 56 -25.06 7.36 9.00
CA SER B 56 -25.68 7.71 10.26
C SER B 56 -25.35 6.70 11.35
N ARG B 57 -25.65 7.09 12.58
CA ARG B 57 -25.41 6.26 13.75
C ARG B 57 -26.29 5.01 13.72
N ASP B 58 -27.12 4.88 12.69
CA ASP B 58 -28.02 3.74 12.56
C ASP B 58 -27.30 2.50 12.01
N ALA B 59 -26.09 2.70 11.51
CA ALA B 59 -25.32 1.59 10.95
C ALA B 59 -25.07 0.52 12.00
N ASP B 60 -24.98 -0.74 11.57
CA ASP B 60 -24.71 -1.82 12.50
C ASP B 60 -23.25 -1.74 12.94
N ILE B 61 -22.37 -1.49 11.98
CA ILE B 61 -20.94 -1.43 12.27
C ILE B 61 -20.42 0.00 12.12
N VAL B 62 -20.07 0.60 13.24
CA VAL B 62 -19.54 1.95 13.21
C VAL B 62 -18.02 1.85 13.33
N ILE B 63 -17.34 2.48 12.37
CA ILE B 63 -15.89 2.47 12.31
C ILE B 63 -15.29 3.82 12.69
N GLN B 64 -14.22 3.78 13.48
CA GLN B 64 -13.58 5.03 13.85
C GLN B 64 -12.13 4.87 14.25
N PHE B 65 -11.37 5.94 14.04
CA PHE B 65 -9.96 6.01 14.40
C PHE B 65 -9.87 6.85 15.66
N GLY B 66 -9.04 6.44 16.61
CA GLY B 66 -8.88 7.21 17.82
C GLY B 66 -7.53 7.00 18.48
N VAL B 67 -7.19 7.87 19.43
CA VAL B 67 -5.93 7.74 20.15
C VAL B 67 -6.21 7.76 21.65
N ALA B 68 -5.53 6.88 22.38
CA ALA B 68 -5.71 6.80 23.82
C ALA B 68 -7.20 6.70 24.15
N GLU B 69 -7.66 7.55 25.06
CA GLU B 69 -9.06 7.57 25.49
C GLU B 69 -9.91 8.03 24.31
N HIS B 70 -10.85 7.20 23.86
CA HIS B 70 -11.67 7.60 22.72
C HIS B 70 -13.18 7.34 22.83
N GLY B 71 -13.71 7.25 24.05
CA GLY B 71 -15.14 7.03 24.18
C GLY B 71 -15.55 5.87 25.06
N ASP B 72 -15.24 4.65 24.64
CA ASP B 72 -15.57 3.49 25.44
C ASP B 72 -14.66 3.47 26.66
N GLY B 73 -14.57 2.33 27.32
CA GLY B 73 -13.70 2.27 28.49
C GLY B 73 -12.43 1.53 28.16
N TYR B 74 -12.09 1.51 26.88
CA TYR B 74 -10.91 0.80 26.43
C TYR B 74 -9.95 1.67 25.62
N PRO B 75 -9.14 2.49 26.30
CA PRO B 75 -8.20 3.35 25.59
C PRO B 75 -7.08 2.57 24.90
N PHE B 76 -6.50 3.16 23.86
CA PHE B 76 -5.41 2.51 23.13
C PHE B 76 -4.10 2.81 23.87
N ASP B 77 -3.05 2.06 23.53
CA ASP B 77 -1.76 2.18 24.19
C ASP B 77 -0.63 2.86 23.43
N GLY B 78 -0.93 3.78 22.53
CA GLY B 78 0.13 4.45 21.81
C GLY B 78 0.72 3.56 20.74
N LYS B 79 1.89 3.91 20.23
CA LYS B 79 2.56 3.16 19.17
C LYS B 79 2.76 1.66 19.47
N ASP B 80 2.43 0.82 18.51
CA ASP B 80 2.54 -0.63 18.63
C ASP B 80 1.70 -1.22 19.76
N GLY B 81 1.80 -2.52 19.95
CA GLY B 81 1.03 -3.18 20.99
C GLY B 81 -0.32 -3.52 20.40
N LEU B 82 -1.39 -3.04 21.04
CA LEU B 82 -2.74 -3.29 20.54
C LEU B 82 -2.97 -2.42 19.32
N LEU B 83 -3.35 -3.02 18.20
CA LEU B 83 -3.53 -2.25 16.96
C LEU B 83 -4.95 -1.71 16.79
N ALA B 84 -5.92 -2.47 17.26
CA ALA B 84 -7.31 -2.10 17.15
C ALA B 84 -8.13 -3.10 17.95
N HIS B 85 -9.44 -2.88 18.01
CA HIS B 85 -10.35 -3.78 18.69
C HIS B 85 -11.77 -3.57 18.20
N ALA B 86 -12.56 -4.65 18.19
CA ALA B 86 -13.94 -4.62 17.74
C ALA B 86 -14.85 -5.27 18.76
N PHE B 87 -16.16 -5.09 18.59
CA PHE B 87 -17.13 -5.66 19.51
C PHE B 87 -18.03 -6.63 18.77
N PRO B 88 -18.46 -7.71 19.45
CA PRO B 88 -19.34 -8.76 18.90
C PRO B 88 -20.71 -8.20 18.53
N PRO B 89 -21.44 -8.88 17.61
CA PRO B 89 -22.77 -8.45 17.16
C PRO B 89 -23.70 -8.05 18.30
N GLY B 90 -24.55 -7.07 18.04
CA GLY B 90 -25.48 -6.59 19.05
C GLY B 90 -25.82 -5.13 18.82
N PRO B 91 -26.56 -4.48 19.75
CA PRO B 91 -26.95 -3.07 19.64
C PRO B 91 -25.93 -2.11 20.22
N GLY B 92 -26.04 -0.84 19.85
CA GLY B 92 -25.13 0.17 20.38
C GLY B 92 -23.69 -0.01 19.93
N ILE B 93 -22.75 0.17 20.86
CA ILE B 93 -21.34 0.05 20.54
C ILE B 93 -21.00 -1.37 20.06
N GLN B 94 -21.90 -2.31 20.30
CA GLN B 94 -21.70 -3.69 19.89
C GLN B 94 -21.57 -3.78 18.37
N GLY B 95 -20.57 -4.52 17.88
CA GLY B 95 -20.40 -4.64 16.44
C GLY B 95 -19.50 -3.56 15.83
N ASP B 96 -19.09 -2.58 16.64
CA ASP B 96 -18.23 -1.49 16.18
C ASP B 96 -16.75 -1.91 16.09
N ALA B 97 -15.97 -1.16 15.32
CA ALA B 97 -14.55 -1.43 15.14
C ALA B 97 -13.74 -0.15 15.25
N HIS B 98 -12.77 -0.13 16.16
CA HIS B 98 -11.95 1.05 16.40
C HIS B 98 -10.48 0.77 16.11
N PHE B 99 -9.81 1.71 15.44
CA PHE B 99 -8.41 1.57 15.07
C PHE B 99 -7.52 2.61 15.74
N ASP B 100 -6.42 2.15 16.33
CA ASP B 100 -5.47 3.03 17.00
C ASP B 100 -4.68 3.85 15.99
N ASP B 101 -4.93 5.16 15.96
CA ASP B 101 -4.27 6.03 15.02
C ASP B 101 -2.90 6.50 15.49
N ASP B 102 -2.35 5.83 16.49
CA ASP B 102 -1.00 6.17 16.95
C ASP B 102 -0.09 5.24 16.16
N GLU B 103 -0.70 4.30 15.45
CA GLU B 103 0.01 3.34 14.61
C GLU B 103 0.20 3.96 13.23
N LEU B 104 1.22 3.52 12.50
CA LEU B 104 1.44 4.01 11.16
C LEU B 104 0.64 3.11 10.23
N TRP B 105 -0.43 3.64 9.65
CA TRP B 105 -1.27 2.85 8.75
C TRP B 105 -0.80 2.96 7.31
N SER B 106 -0.76 1.81 6.65
CA SER B 106 -0.31 1.74 5.27
C SER B 106 -1.00 0.55 4.62
N LEU B 107 -0.45 0.10 3.49
CA LEU B 107 -0.99 -1.04 2.75
C LEU B 107 0.16 -1.76 2.06
N GLY B 108 0.05 -3.08 1.88
CA GLY B 108 1.09 -3.84 1.21
C GLY B 108 2.39 -4.06 1.98
N LYS B 109 3.46 -4.36 1.25
CA LYS B 109 4.76 -4.57 1.87
C LYS B 109 5.31 -3.23 2.31
N GLY B 110 6.21 -3.23 3.29
CA GLY B 110 6.77 -1.98 3.76
C GLY B 110 6.51 -1.76 5.25
N GLN B 111 7.04 -0.66 5.79
CA GLN B 111 6.85 -0.36 7.20
C GLN B 111 5.40 0.05 7.45
N GLY B 112 4.98 0.00 8.71
CA GLY B 112 3.60 0.34 9.03
C GLY B 112 2.76 -0.92 9.02
N TYR B 113 1.50 -0.80 9.40
CA TYR B 113 0.59 -1.94 9.44
C TYR B 113 -0.43 -1.82 8.34
N SER B 114 -0.84 -2.95 7.76
CA SER B 114 -1.83 -2.94 6.69
C SER B 114 -3.22 -2.68 7.23
N LEU B 115 -3.79 -1.54 6.86
CA LEU B 115 -5.13 -1.21 7.32
C LEU B 115 -6.10 -2.28 6.80
N PHE B 116 -5.88 -2.71 5.56
CA PHE B 116 -6.71 -3.72 4.91
C PHE B 116 -6.79 -5.02 5.71
N LEU B 117 -5.62 -5.58 6.01
CA LEU B 117 -5.54 -6.83 6.76
C LEU B 117 -6.08 -6.72 8.19
N VAL B 118 -5.76 -5.64 8.88
CA VAL B 118 -6.24 -5.46 10.24
C VAL B 118 -7.76 -5.24 10.25
N ALA B 119 -8.28 -4.57 9.23
CA ALA B 119 -9.71 -4.32 9.14
C ALA B 119 -10.47 -5.63 8.96
N ALA B 120 -9.92 -6.50 8.11
CA ALA B 120 -10.55 -7.79 7.85
C ALA B 120 -10.64 -8.60 9.14
N HIS B 121 -9.61 -8.48 9.98
CA HIS B 121 -9.58 -9.19 11.25
C HIS B 121 -10.64 -8.61 12.19
N GLU B 122 -10.66 -7.28 12.32
CA GLU B 122 -11.64 -6.62 13.18
C GLU B 122 -13.06 -6.91 12.74
N PHE B 123 -13.31 -6.89 11.44
CA PHE B 123 -14.66 -7.16 10.94
C PHE B 123 -15.02 -8.60 11.22
N GLY B 124 -14.01 -9.43 11.46
CA GLY B 124 -14.25 -10.83 11.76
C GLY B 124 -14.94 -10.90 13.11
N HIS B 125 -14.42 -10.13 14.05
CA HIS B 125 -14.99 -10.06 15.38
C HIS B 125 -16.40 -9.44 15.31
N ALA B 126 -16.51 -8.31 14.63
CA ALA B 126 -17.77 -7.61 14.49
C ALA B 126 -18.88 -8.49 13.92
N LEU B 127 -18.50 -9.63 13.33
CA LEU B 127 -19.48 -10.55 12.78
C LEU B 127 -19.72 -11.76 13.69
N GLY B 128 -18.97 -11.82 14.78
CA GLY B 128 -19.14 -12.92 15.71
C GLY B 128 -18.00 -13.89 15.91
N LEU B 129 -17.00 -13.84 15.04
CA LEU B 129 -15.86 -14.75 15.15
C LEU B 129 -14.93 -14.45 16.33
N ASP B 130 -14.41 -15.52 16.94
CA ASP B 130 -13.47 -15.39 18.04
C ASP B 130 -12.08 -15.68 17.46
N HIS B 131 -11.05 -15.58 18.29
CA HIS B 131 -9.70 -15.83 17.83
C HIS B 131 -9.46 -17.28 17.44
N SER B 132 -8.59 -17.47 16.46
CA SER B 132 -8.25 -18.80 15.97
C SER B 132 -6.93 -19.22 16.59
N SER B 133 -6.69 -20.53 16.61
CA SER B 133 -5.46 -21.09 17.17
C SER B 133 -4.50 -21.45 16.02
N VAL B 134 -5.01 -21.37 14.80
CA VAL B 134 -4.22 -21.66 13.61
C VAL B 134 -3.40 -20.40 13.28
N PRO B 135 -2.08 -20.45 13.53
CA PRO B 135 -1.15 -19.34 13.29
C PRO B 135 -1.22 -18.64 11.93
N GLU B 136 -1.72 -19.32 10.91
CA GLU B 136 -1.83 -18.71 9.59
C GLU B 136 -3.26 -18.31 9.23
N ALA B 137 -4.15 -18.36 10.22
CA ALA B 137 -5.54 -17.97 10.00
C ALA B 137 -5.63 -16.46 10.23
N LEU B 138 -6.50 -15.79 9.48
CA LEU B 138 -6.68 -14.35 9.63
C LEU B 138 -7.08 -13.99 11.04
N MET B 139 -7.86 -14.85 11.69
CA MET B 139 -8.31 -14.58 13.05
C MET B 139 -7.29 -14.86 14.15
N TYR B 140 -6.08 -15.25 13.76
CA TYR B 140 -5.03 -15.50 14.75
C TYR B 140 -4.84 -14.18 15.49
N PRO B 141 -4.74 -14.21 16.82
CA PRO B 141 -4.58 -13.03 17.69
C PRO B 141 -3.35 -12.13 17.55
N MET B 142 -2.39 -12.51 16.73
CA MET B 142 -1.19 -11.68 16.58
C MET B 142 -1.06 -11.22 15.15
N TYR B 143 -0.53 -10.01 14.95
CA TYR B 143 -0.38 -9.48 13.58
C TYR B 143 0.75 -10.12 12.76
N ARG B 144 0.47 -10.33 11.48
CA ARG B 144 1.44 -10.92 10.56
C ARG B 144 1.05 -10.58 9.12
N PHE B 145 1.91 -9.84 8.42
CA PHE B 145 1.61 -9.46 7.03
C PHE B 145 1.68 -10.64 6.09
N THR B 146 0.83 -10.62 5.05
CA THR B 146 0.81 -11.70 4.08
C THR B 146 0.26 -11.21 2.75
N GLU B 147 0.70 -11.84 1.66
CA GLU B 147 0.23 -11.51 0.32
C GLU B 147 -0.74 -12.63 -0.06
N GLY B 148 -1.48 -12.44 -1.13
CA GLY B 148 -2.43 -13.46 -1.54
C GLY B 148 -3.67 -13.45 -0.66
N PRO B 149 -4.63 -14.35 -0.92
CA PRO B 149 -5.89 -14.47 -0.15
C PRO B 149 -5.66 -14.53 1.36
N PRO B 150 -6.27 -13.59 2.11
CA PRO B 150 -6.18 -13.45 3.57
C PRO B 150 -6.89 -14.53 4.38
N LEU B 151 -8.08 -14.93 3.92
CA LEU B 151 -8.88 -15.92 4.62
C LEU B 151 -8.35 -17.35 4.55
N HIS B 152 -8.11 -17.94 5.72
CA HIS B 152 -7.66 -19.31 5.78
C HIS B 152 -8.90 -20.19 5.81
N LYS B 153 -8.77 -21.43 5.35
CA LYS B 153 -9.92 -22.33 5.32
C LYS B 153 -10.56 -22.46 6.71
N ASP B 154 -9.82 -22.10 7.75
CA ASP B 154 -10.34 -22.15 9.11
C ASP B 154 -11.29 -20.95 9.32
N ASP B 155 -10.90 -19.81 8.76
CA ASP B 155 -11.70 -18.59 8.87
C ASP B 155 -13.02 -18.78 8.10
N VAL B 156 -12.93 -19.41 6.93
CA VAL B 156 -14.11 -19.65 6.11
C VAL B 156 -15.10 -20.59 6.79
N ASN B 157 -14.56 -21.55 7.55
CA ASN B 157 -15.41 -22.51 8.26
C ASN B 157 -16.16 -21.82 9.37
N GLY B 158 -15.43 -21.08 10.20
CA GLY B 158 -16.04 -20.38 11.31
C GLY B 158 -17.17 -19.45 10.89
N ILE B 159 -16.97 -18.72 9.80
CA ILE B 159 -17.98 -17.79 9.34
C ILE B 159 -19.13 -18.57 8.68
N ARG B 160 -18.78 -19.70 8.06
CA ARG B 160 -19.76 -20.55 7.40
C ARG B 160 -20.64 -21.23 8.45
N HIS B 161 -20.07 -21.40 9.65
CA HIS B 161 -20.76 -22.04 10.77
C HIS B 161 -21.84 -21.14 11.36
N LEU B 162 -21.59 -19.83 11.36
CA LEU B 162 -22.53 -18.85 11.90
C LEU B 162 -23.61 -18.41 10.93
N TYR B 163 -23.24 -18.19 9.67
CA TYR B 163 -24.21 -17.74 8.67
C TYR B 163 -24.39 -18.73 7.52
CA CA C . -0.85 11.34 -15.24
CA CA D . 20.95 13.60 -12.28
CA CA E . -1.31 12.82 -5.60
CA CA F . -3.32 0.05 -2.96
C NFH G . 3.18 4.71 -18.06
N NFH G . 6.97 5.10 -18.50
O NFH G . 2.86 5.76 -17.45
C1 NFH G . 0.02 3.45 -17.96
N1 NFH G . 2.31 3.99 -18.80
O1 NFH G . 0.26 2.24 -17.84
N2 NFH G . -0.92 4.12 -17.25
CA NFH G . 4.65 4.20 -17.98
CB NFH G . 5.06 3.77 -16.51
CG NFH G . 4.34 2.59 -15.82
CM NFH G . 7.85 5.54 -17.60
OM NFH G . 9.00 5.28 -17.61
CN NFH G . 5.54 5.40 -18.46
ON NFH G . 7.38 4.34 -19.45
CA1 NFH G . 0.86 4.36 -18.98
CB1 NFH G . 0.38 4.23 -20.52
CD1 NFH G . 4.64 1.26 -16.56
CD2 NFH G . 4.92 2.41 -14.42
CG1 NFH G . -1.13 4.62 -20.72
CG2 NFH G . 1.24 5.15 -21.43
CG3 NFH G . 0.54 2.78 -21.11
CN2 NFH G . -1.82 3.50 -16.24
ZN ZN H . 9.00 3.23 -18.81
ZN ZN I . 9.77 15.58 -15.68
CA CA J . 24.22 -6.86 -3.28
CA CA K . -1.37 0.64 19.75
CA CA L . -22.99 -1.15 16.46
CA CA M . -1.50 7.16 12.46
CA CA N . 3.01 -1.05 3.56
CA CA O . -22.54 -14.08 -1.74
C NFH P . -3.44 -6.98 18.15
N NFH P . -7.24 -7.76 18.32
O NFH P . -3.39 -5.72 18.12
C1 NFH P . -0.04 -7.20 17.80
N1 NFH P . -2.39 -7.73 18.56
O1 NFH P . 0.01 -8.20 17.04
N2 NFH P . 0.71 -6.08 17.67
CA NFH P . -4.74 -7.72 17.67
CB NFH P . -5.08 -7.49 16.14
CG NFH P . -4.08 -7.99 15.04
CM NFH P . -8.25 -7.06 17.78
OM NFH P . -9.33 -7.50 17.56
CN NFH P . -5.90 -7.18 18.60
ON NFH P . -7.46 -9.01 18.61
CA1 NFH P . -1.06 -7.18 19.04
CB1 NFH P . -0.52 -7.98 20.34
CD1 NFH P . -4.00 -9.53 15.06
CD2 NFH P . -4.63 -7.63 13.66
CG1 NFH P . 0.86 -7.42 20.87
CG2 NFH P . -1.55 -7.90 21.50
CG3 NFH P . -0.27 -9.51 20.08
CN2 NFH P . 1.72 -5.85 16.61
ZN ZN Q . -8.70 -9.96 17.39
ZN ZN R . -12.61 1.68 21.15
#